data_8FDC
#
_entry.id   8FDC
#
_cell.length_a   119.019
_cell.length_b   66.456
_cell.length_c   84.037
_cell.angle_alpha   90.000
_cell.angle_beta   132.570
_cell.angle_gamma   90.000
#
_symmetry.space_group_name_H-M   'C 1 2 1'
#
loop_
_entity.id
_entity.type
_entity.pdbx_description
1 polymer 'Circumsporozoite protein KQPA peptide'
2 polymer 'Ky311 Antibody, heavy chain'
3 polymer 'Ky311 Antibody, light chain'
4 non-polymer 1,2-ETHANEDIOL
5 water water
#
loop_
_entity_poly.entity_id
_entity_poly.type
_entity_poly.pdbx_seq_one_letter_code
_entity_poly.pdbx_strand_id
1 'polypeptide(L)' KQPADGNPDPNANPN P
2 'polypeptide(L)'
;QMHLVESGGGVVQPGRSLRLSCVASGFTFNNHGMHWVRQAPGKGLEWVAVIWHDGSNKFYADSVNGRFIVSRDNSKNTLY
LHMNSLRAEDTAVYYCARDFFVSGSYNYFDPWGQGTLVTVSSASTKGPSVFPLAPSSKSTSGGTAALGCLVKDYFPEPVT
VSWNSGALTSGVHTFPAVLQSSGLYSLSSVVTVPSSSLGTQTYICNVNHKPSNTKVDKKVEPKSC
;
A
3 'polypeptide(L)'
;EIVLTQSPVTLSLSPGERATLSCRASQSVSNYLAWYQQKPGQAPRLLIYDAANRATGTPARFSGSGSGTDFTLTISSLEP
EDFAVYFCQQRSKWFTFGPGTKLDIKRTVAAPSVFIFPPSDEQLKSGTASVVCLLNNFYPREAKVQWKVDNALQSGNSQE
SVTEQDSKDSTYSLSSTLTLSKADYEKHKVYACEVTHQGLSSPVTKSFNRGEC
;
B
#
loop_
_chem_comp.id
_chem_comp.type
_chem_comp.name
_chem_comp.formula
EDO non-polymer 1,2-ETHANEDIOL 'C2 H6 O2'
#
# COMPACT_ATOMS: atom_id res chain seq x y z
N ASP A 5 30.11 -1.04 17.28
CA ASP A 5 29.96 0.41 17.42
C ASP A 5 28.50 0.76 17.70
N GLY A 6 27.77 1.10 16.64
CA GLY A 6 26.34 1.31 16.76
C GLY A 6 25.97 2.60 17.49
N ASN A 7 24.73 2.62 17.98
CA ASN A 7 24.09 3.70 18.69
C ASN A 7 24.13 3.45 20.20
N PRO A 8 24.09 4.50 21.03
CA PRO A 8 23.98 4.27 22.47
CA PRO A 8 23.98 4.27 22.47
C PRO A 8 22.75 3.44 22.81
N ASP A 9 22.92 2.52 23.74
CA ASP A 9 21.85 1.62 24.17
C ASP A 9 20.76 2.41 24.90
N PRO A 10 19.51 2.40 24.40
CA PRO A 10 18.44 3.16 25.05
C PRO A 10 17.72 2.43 26.16
N ASN A 11 18.13 1.21 26.49
CA ASN A 11 17.39 0.38 27.44
C ASN A 11 18.03 0.42 28.82
N ALA A 12 17.28 -0.05 29.80
CA ALA A 12 17.74 -0.02 31.19
C ALA A 12 18.79 -1.09 31.43
N ASN A 13 19.74 -0.76 32.30
CA ASN A 13 20.78 -1.72 32.68
C ASN A 13 20.83 -1.86 34.20
N GLN B 1 0.25 -11.62 27.12
CA GLN B 1 0.98 -11.39 25.87
C GLN B 1 1.41 -9.93 25.74
N MET B 2 2.51 -9.71 25.01
CA MET B 2 2.94 -8.34 24.74
C MET B 2 2.00 -7.67 23.77
N HIS B 3 1.72 -6.39 24.00
CA HIS B 3 0.75 -5.67 23.19
C HIS B 3 1.08 -4.18 23.16
N LEU B 4 0.98 -3.59 21.97
CA LEU B 4 1.12 -2.16 21.77
C LEU B 4 -0.07 -1.67 20.95
N VAL B 5 -0.71 -0.58 21.38
CA VAL B 5 -1.87 -0.06 20.66
C VAL B 5 -1.75 1.46 20.53
N GLU B 6 -1.72 1.94 19.29
CA GLU B 6 -1.61 3.37 19.00
C GLU B 6 -3.00 4.00 18.87
N SER B 7 -3.06 5.30 19.11
CA SER B 7 -4.28 6.05 18.85
C SER B 7 -3.91 7.50 18.55
N GLY B 8 -4.88 8.24 18.01
CA GLY B 8 -4.74 9.67 17.78
C GLY B 8 -4.61 10.08 16.33
N GLY B 9 -4.47 9.14 15.41
CA GLY B 9 -4.35 9.50 14.00
C GLY B 9 -5.65 10.03 13.43
N GLY B 10 -5.51 10.78 12.34
CA GLY B 10 -6.66 11.36 11.68
C GLY B 10 -6.21 12.38 10.65
N VAL B 11 -7.18 13.14 10.17
CA VAL B 11 -6.92 14.19 9.18
C VAL B 11 -6.51 15.46 9.91
N VAL B 12 -5.41 16.07 9.46
CA VAL B 12 -4.88 17.28 10.06
C VAL B 12 -4.41 18.23 8.97
N GLN B 13 -4.74 19.50 9.11
CA GLN B 13 -4.32 20.51 8.15
C GLN B 13 -2.82 20.77 8.30
N PRO B 14 -2.11 21.04 7.19
CA PRO B 14 -0.70 21.42 7.30
C PRO B 14 -0.55 22.68 8.16
N GLY B 15 0.48 22.66 9.01
CA GLY B 15 0.68 23.71 9.98
C GLY B 15 0.09 23.44 11.35
N ARG B 16 -0.92 22.58 11.42
CA ARG B 16 -1.57 22.22 12.68
C ARG B 16 -0.73 21.20 13.45
N SER B 17 -1.19 20.87 14.66
CA SER B 17 -0.51 19.93 15.54
C SER B 17 -1.41 18.74 15.83
N LEU B 18 -0.77 17.63 16.22
CA LEU B 18 -1.47 16.39 16.52
C LEU B 18 -0.62 15.57 17.48
N ARG B 19 -1.27 14.96 18.46
CA ARG B 19 -0.58 14.09 19.41
C ARG B 19 -1.03 12.65 19.21
N LEU B 20 -0.06 11.75 19.08
CA LEU B 20 -0.27 10.32 19.03
C LEU B 20 0.08 9.69 20.37
N SER B 21 -0.56 8.57 20.68
CA SER B 21 -0.31 7.83 21.91
C SER B 21 -0.12 6.35 21.58
N CYS B 22 0.64 5.67 22.45
CA CYS B 22 0.88 4.24 22.36
C CYS B 22 0.90 3.70 23.77
N VAL B 23 -0.04 2.80 24.09
CA VAL B 23 -0.12 2.20 25.42
C VAL B 23 0.42 0.78 25.33
N ALA B 24 1.25 0.39 26.30
CA ALA B 24 1.92 -0.89 26.31
C ALA B 24 1.41 -1.77 27.45
N SER B 25 1.44 -3.08 27.21
CA SER B 25 1.13 -4.06 28.24
C SER B 25 1.85 -5.36 27.89
N GLY B 26 2.05 -6.19 28.91
CA GLY B 26 2.66 -7.49 28.71
C GLY B 26 4.18 -7.52 28.78
N PHE B 27 4.83 -6.39 29.04
CA PHE B 27 6.26 -6.37 29.29
C PHE B 27 6.57 -5.18 30.19
N THR B 28 7.79 -5.16 30.72
CA THR B 28 8.19 -4.10 31.64
C THR B 28 8.54 -2.86 30.82
N PHE B 29 7.58 -1.94 30.72
CA PHE B 29 7.70 -0.78 29.85
C PHE B 29 8.89 0.09 30.22
N ASN B 30 9.18 0.25 31.51
CA ASN B 30 10.22 1.18 31.92
C ASN B 30 11.63 0.64 31.73
N ASN B 31 11.78 -0.60 31.26
CA ASN B 31 13.10 -1.13 30.94
C ASN B 31 13.50 -0.88 29.49
N HIS B 32 12.58 -0.46 28.64
CA HIS B 32 12.80 -0.44 27.20
C HIS B 32 12.80 0.98 26.66
N GLY B 33 13.78 1.29 25.81
CA GLY B 33 13.60 2.35 24.84
C GLY B 33 12.40 2.05 23.95
N MET B 34 11.79 3.11 23.44
CA MET B 34 10.62 2.99 22.59
C MET B 34 10.82 3.84 21.34
N HIS B 35 10.20 3.40 20.24
CA HIS B 35 10.40 4.01 18.93
C HIS B 35 9.07 4.32 18.27
N TRP B 36 9.09 5.33 17.39
CA TRP B 36 8.05 5.55 16.39
C TRP B 36 8.63 5.27 15.02
N VAL B 37 7.88 4.55 14.19
CA VAL B 37 8.25 4.22 12.82
C VAL B 37 7.02 4.48 11.95
N ARG B 38 7.22 5.02 10.75
CA ARG B 38 6.08 5.36 9.92
C ARG B 38 6.22 4.77 8.53
N GLN B 39 5.09 4.69 7.84
CA GLN B 39 5.01 4.08 6.52
C GLN B 39 4.01 4.87 5.69
N ALA B 40 4.51 5.60 4.69
CA ALA B 40 3.64 6.33 3.78
C ALA B 40 2.83 5.35 2.94
N PRO B 41 1.64 5.74 2.49
CA PRO B 41 0.79 4.83 1.72
C PRO B 41 1.51 4.20 0.54
N GLY B 42 1.60 2.87 0.54
CA GLY B 42 2.25 2.13 -0.53
C GLY B 42 3.76 2.23 -0.58
N LYS B 43 4.39 2.77 0.47
CA LYS B 43 5.83 3.00 0.50
C LYS B 43 6.47 2.11 1.58
N GLY B 44 7.76 2.34 1.81
CA GLY B 44 8.51 1.59 2.79
C GLY B 44 8.46 2.20 4.19
N LEU B 45 9.31 1.67 5.06
CA LEU B 45 9.33 2.05 6.47
C LEU B 45 10.40 3.09 6.73
N GLU B 46 10.08 4.08 7.55
CA GLU B 46 11.00 5.15 7.93
C GLU B 46 10.99 5.32 9.44
N TRP B 47 12.14 5.12 10.07
CA TRP B 47 12.24 5.37 11.50
C TRP B 47 12.02 6.85 11.78
N VAL B 48 11.34 7.15 12.89
CA VAL B 48 10.94 8.52 13.23
C VAL B 48 11.68 9.04 14.47
N ALA B 49 11.56 8.32 15.60
CA ALA B 49 12.09 8.84 16.85
C ALA B 49 12.32 7.69 17.82
N VAL B 50 13.25 7.92 18.75
CA VAL B 50 13.54 7.01 19.85
C VAL B 50 13.57 7.81 21.15
N ILE B 51 13.10 7.18 22.22
CA ILE B 51 13.21 7.78 23.55
C ILE B 51 13.76 6.73 24.52
N TRP B 52 14.69 7.17 25.38
CA TRP B 52 15.31 6.30 26.36
C TRP B 52 14.27 5.74 27.33
N HIS B 53 14.60 4.59 27.93
CA HIS B 53 13.75 3.95 28.92
C HIS B 53 13.29 4.93 30.00
N ASP B 54 14.19 5.80 30.46
CA ASP B 54 13.89 6.76 31.52
C ASP B 54 13.55 8.15 30.98
N GLY B 55 13.45 8.29 29.66
CA GLY B 55 13.17 9.58 29.06
C GLY B 55 14.32 10.57 29.04
N SER B 56 15.54 10.12 29.34
CA SER B 56 16.67 11.02 29.50
C SER B 56 17.24 11.51 28.17
N ASN B 57 17.06 10.75 27.10
CA ASN B 57 17.59 11.13 25.79
C ASN B 57 16.54 10.86 24.73
N LYS B 58 16.54 11.71 23.70
CA LYS B 58 15.61 11.60 22.58
C LYS B 58 16.36 11.90 21.29
N PHE B 59 16.17 11.08 20.27
CA PHE B 59 16.79 11.29 18.98
C PHE B 59 15.75 11.13 17.88
N TYR B 60 15.99 11.81 16.75
CA TYR B 60 14.97 11.96 15.72
C TYR B 60 15.56 11.72 14.34
N ALA B 61 14.71 11.25 13.42
CA ALA B 61 15.11 11.18 12.02
C ALA B 61 15.33 12.59 11.48
N ASP B 62 16.26 12.71 10.52
CA ASP B 62 16.55 14.01 9.92
C ASP B 62 15.30 14.69 9.38
N SER B 63 14.33 13.91 8.91
CA SER B 63 13.16 14.47 8.26
C SER B 63 12.15 15.07 9.23
N VAL B 64 12.26 14.80 10.53
CA VAL B 64 11.25 15.27 11.49
C VAL B 64 11.88 16.04 12.64
N ASN B 65 13.22 16.09 12.69
CA ASN B 65 13.89 16.75 13.81
C ASN B 65 13.48 18.21 13.88
N GLY B 66 13.09 18.65 15.08
CA GLY B 66 12.62 19.99 15.30
C GLY B 66 11.13 20.19 15.08
N ARG B 67 10.47 19.27 14.40
CA ARG B 67 9.03 19.35 14.17
C ARG B 67 8.23 18.37 15.01
N PHE B 68 8.79 17.20 15.30
CA PHE B 68 8.15 16.20 16.16
C PHE B 68 8.89 16.12 17.49
N ILE B 69 8.15 15.84 18.56
CA ILE B 69 8.72 15.67 19.89
C ILE B 69 8.19 14.35 20.46
N VAL B 70 9.09 13.52 20.97
CA VAL B 70 8.72 12.24 21.58
C VAL B 70 8.81 12.36 23.09
N SER B 71 7.86 11.77 23.79
CA SER B 71 7.86 11.74 25.25
C SER B 71 7.20 10.46 25.72
N ARG B 72 7.28 10.21 27.02
CA ARG B 72 6.68 9.02 27.60
C ARG B 72 6.29 9.27 29.04
N ASP B 73 5.28 8.54 29.50
CA ASP B 73 4.84 8.54 30.89
C ASP B 73 4.89 7.10 31.35
N ASN B 74 5.96 6.72 32.04
CA ASN B 74 6.10 5.33 32.47
C ASN B 74 5.04 4.93 33.48
N SER B 75 4.53 5.89 34.26
CA SER B 75 3.46 5.58 35.21
C SER B 75 2.19 5.17 34.50
N LYS B 76 2.02 5.55 33.23
CA LYS B 76 0.87 5.15 32.44
C LYS B 76 1.21 4.14 31.36
N ASN B 77 2.46 3.65 31.31
CA ASN B 77 2.92 2.74 30.26
C ASN B 77 2.59 3.28 28.86
N THR B 78 2.79 4.57 28.67
CA THR B 78 2.36 5.22 27.44
C THR B 78 3.51 5.99 26.79
N LEU B 79 3.56 5.91 25.47
CA LEU B 79 4.49 6.65 24.63
C LEU B 79 3.73 7.70 23.84
N TYR B 80 4.34 8.86 23.61
CA TYR B 80 3.67 9.92 22.90
C TYR B 80 4.51 10.38 21.72
N LEU B 81 3.84 10.99 20.73
CA LEU B 81 4.51 11.67 19.64
C LEU B 81 3.77 12.98 19.40
N HIS B 82 4.42 14.10 19.71
CA HIS B 82 3.84 15.42 19.49
C HIS B 82 4.27 15.90 18.10
N MET B 83 3.33 15.96 17.17
CA MET B 83 3.62 16.30 15.78
C MET B 83 3.23 17.75 15.53
N ASN B 84 4.22 18.61 15.29
CA ASN B 84 3.98 20.00 14.95
C ASN B 84 4.50 20.29 13.54
N SER B 85 4.14 21.46 13.03
CA SER B 85 4.49 21.90 11.68
C SER B 85 4.33 20.78 10.66
N LEU B 86 3.15 20.17 10.66
CA LEU B 86 2.89 19.00 9.82
C LEU B 86 2.86 19.39 8.35
N ARG B 87 3.36 18.50 7.51
CA ARG B 87 3.41 18.68 6.06
C ARG B 87 2.76 17.50 5.38
N ALA B 88 2.32 17.72 4.13
CA ALA B 88 1.66 16.65 3.39
C ALA B 88 2.49 15.38 3.33
N GLU B 89 3.82 15.53 3.27
CA GLU B 89 4.71 14.37 3.18
C GLU B 89 4.78 13.59 4.48
N ASP B 90 4.21 14.09 5.58
CA ASP B 90 4.12 13.35 6.82
C ASP B 90 2.96 12.36 6.85
N THR B 91 2.12 12.36 5.81
CA THR B 91 1.04 11.38 5.70
C THR B 91 1.61 9.97 5.72
N ALA B 92 1.17 9.16 6.69
CA ALA B 92 1.67 7.80 6.86
C ALA B 92 0.90 7.10 7.98
N VAL B 93 1.01 5.78 8.00
CA VAL B 93 0.65 4.99 9.18
C VAL B 93 1.80 5.09 10.17
N TYR B 94 1.50 5.42 11.41
CA TYR B 94 2.51 5.59 12.45
C TYR B 94 2.43 4.39 13.38
N TYR B 95 3.54 3.69 13.49
CA TYR B 95 3.69 2.53 14.36
C TYR B 95 4.54 2.89 15.57
N CYS B 96 4.15 2.36 16.72
CA CYS B 96 4.97 2.35 17.92
CA CYS B 96 5.03 2.37 17.87
C CYS B 96 5.65 0.99 18.01
N ALA B 97 6.91 0.96 18.45
CA ALA B 97 7.63 -0.30 18.50
C ALA B 97 8.58 -0.27 19.69
N ARG B 98 8.72 -1.42 20.34
CA ARG B 98 9.62 -1.56 21.47
C ARG B 98 11.04 -1.81 20.99
N ASP B 99 12.02 -1.24 21.68
CA ASP B 99 13.41 -1.59 21.41
C ASP B 99 13.68 -2.98 21.95
N PHE B 100 13.88 -3.95 21.06
CA PHE B 100 14.10 -5.34 21.45
C PHE B 100 15.58 -5.54 21.80
N PHE B 101 15.86 -5.99 23.01
CA PHE B 101 17.23 -6.27 23.41
C PHE B 101 17.33 -7.66 24.02
N VAL B 102 18.45 -8.34 23.73
CA VAL B 102 18.77 -9.63 24.33
C VAL B 102 20.28 -9.82 24.19
N SER B 103 20.87 -10.41 25.24
CA SER B 103 22.33 -10.59 25.31
C SER B 103 22.96 -9.20 25.11
N GLY B 104 23.90 -9.03 24.19
CA GLY B 104 24.48 -7.73 23.95
C GLY B 104 23.84 -6.91 22.86
N SER B 105 22.76 -7.41 22.25
CA SER B 105 22.16 -6.76 21.10
C SER B 105 20.94 -5.94 21.50
N TYR B 106 20.67 -4.92 20.70
CA TYR B 106 19.56 -4.00 20.93
C TYR B 106 19.28 -3.28 19.61
N ASN B 107 18.36 -2.31 19.67
CA ASN B 107 18.05 -1.43 18.54
C ASN B 107 17.38 -2.16 17.39
N TYR B 108 16.59 -3.19 17.69
CA TYR B 108 15.68 -3.78 16.73
C TYR B 108 14.26 -3.56 17.24
N PHE B 109 13.28 -3.77 16.37
CA PHE B 109 11.90 -3.36 16.64
C PHE B 109 11.02 -4.59 16.82
N ASP B 110 10.64 -4.87 18.08
CA ASP B 110 9.74 -5.96 18.41
C ASP B 110 9.23 -5.82 19.85
N PRO B 111 7.90 -5.85 20.06
CA PRO B 111 6.87 -5.97 19.04
C PRO B 111 6.49 -4.62 18.44
N TRP B 112 5.51 -4.64 17.53
CA TRP B 112 4.97 -3.45 16.89
C TRP B 112 3.51 -3.31 17.26
N GLY B 113 3.02 -2.08 17.26
CA GLY B 113 1.59 -1.84 17.36
C GLY B 113 0.90 -2.09 16.03
N GLN B 114 -0.41 -1.84 16.01
CA GLN B 114 -1.18 -2.01 14.78
C GLN B 114 -1.08 -0.80 13.84
N GLY B 115 -0.62 0.34 14.34
CA GLY B 115 -0.48 1.56 13.56
C GLY B 115 -1.70 2.45 13.64
N THR B 116 -1.45 3.76 13.50
CA THR B 116 -2.52 4.76 13.39
C THR B 116 -2.24 5.67 12.19
N LEU B 117 -3.27 5.95 11.41
CA LEU B 117 -3.11 6.66 10.14
C LEU B 117 -3.24 8.17 10.36
N VAL B 118 -2.21 8.91 9.96
CA VAL B 118 -2.21 10.36 9.96
C VAL B 118 -2.27 10.82 8.51
N THR B 119 -3.30 11.58 8.17
CA THR B 119 -3.47 12.15 6.84
C THR B 119 -3.33 13.66 6.94
N VAL B 120 -2.26 14.21 6.38
CA VAL B 120 -2.00 15.64 6.40
C VAL B 120 -2.40 16.23 5.05
N SER B 121 -3.38 17.12 5.06
CA SER B 121 -3.92 17.67 3.82
C SER B 121 -4.72 18.93 4.12
N SER B 122 -4.73 19.85 3.17
CA SER B 122 -5.56 21.04 3.25
C SER B 122 -6.95 20.83 2.67
N ALA B 123 -7.25 19.62 2.19
CA ALA B 123 -8.54 19.36 1.58
C ALA B 123 -9.65 19.36 2.63
N SER B 124 -10.87 19.64 2.16
CA SER B 124 -12.06 19.58 3.00
C SER B 124 -12.85 18.32 2.70
N THR B 125 -13.61 17.87 3.70
CA THR B 125 -14.49 16.72 3.54
C THR B 125 -15.35 16.87 2.30
N LYS B 126 -15.42 15.81 1.50
CA LYS B 126 -16.25 15.80 0.30
C LYS B 126 -16.78 14.40 0.06
N GLY B 127 -18.08 14.30 -0.20
CA GLY B 127 -18.70 13.05 -0.57
C GLY B 127 -18.44 12.73 -2.03
N PRO B 128 -18.34 11.45 -2.34
CA PRO B 128 -17.99 11.05 -3.72
C PRO B 128 -19.17 11.21 -4.66
N SER B 129 -18.83 11.36 -5.94
CA SER B 129 -19.79 11.15 -7.01
C SER B 129 -19.66 9.71 -7.49
N VAL B 130 -20.78 9.03 -7.66
CA VAL B 130 -20.79 7.63 -8.06
C VAL B 130 -21.33 7.55 -9.48
N PHE B 131 -20.46 7.20 -10.42
CA PHE B 131 -20.84 7.10 -11.82
C PHE B 131 -20.79 5.66 -12.30
N PRO B 132 -21.67 5.27 -13.21
CA PRO B 132 -21.65 3.89 -13.71
C PRO B 132 -20.53 3.68 -14.71
N LEU B 133 -19.92 2.50 -14.64
CA LEU B 133 -19.07 1.98 -15.69
C LEU B 133 -19.93 0.95 -16.41
N ALA B 134 -20.57 1.38 -17.49
CA ALA B 134 -21.65 0.59 -18.07
C ALA B 134 -21.11 -0.49 -19.00
N PRO B 135 -21.64 -1.71 -18.91
CA PRO B 135 -21.23 -2.77 -19.83
C PRO B 135 -21.69 -2.45 -21.25
N SER B 136 -20.77 -2.56 -22.20
CA SER B 136 -21.05 -2.16 -23.58
C SER B 136 -21.11 -3.37 -24.51
N SER B 141 -15.77 -9.27 -23.49
CA SER B 141 -14.77 -10.20 -24.02
C SER B 141 -15.40 -11.56 -24.27
N GLY B 142 -16.06 -11.69 -25.41
CA GLY B 142 -16.73 -12.93 -25.76
C GLY B 142 -17.97 -13.16 -24.91
N GLY B 143 -17.94 -14.19 -24.07
CA GLY B 143 -19.08 -14.46 -23.20
C GLY B 143 -19.10 -13.66 -21.92
N THR B 144 -18.00 -13.00 -21.57
CA THR B 144 -17.87 -12.28 -20.30
C THR B 144 -17.92 -10.78 -20.55
N ALA B 145 -18.73 -10.09 -19.77
CA ALA B 145 -18.80 -8.65 -19.77
C ALA B 145 -18.29 -8.11 -18.44
N ALA B 146 -17.91 -6.83 -18.43
CA ALA B 146 -17.44 -6.16 -17.24
C ALA B 146 -18.27 -4.90 -17.00
N LEU B 147 -18.53 -4.60 -15.74
CA LEU B 147 -19.24 -3.39 -15.36
C LEU B 147 -18.71 -2.96 -14.00
N GLY B 148 -19.10 -1.77 -13.57
CA GLY B 148 -18.65 -1.29 -12.29
C GLY B 148 -19.18 0.08 -11.96
N CYS B 149 -18.55 0.70 -10.97
CA CYS B 149 -18.89 2.04 -10.50
CA CYS B 149 -18.88 2.04 -10.54
C CYS B 149 -17.62 2.84 -10.31
N LEU B 150 -17.61 4.07 -10.80
CA LEU B 150 -16.52 5.00 -10.56
C LEU B 150 -16.88 5.87 -9.36
N VAL B 151 -16.12 5.75 -8.29
CA VAL B 151 -16.34 6.52 -7.06
C VAL B 151 -15.30 7.63 -7.08
N LYS B 152 -15.71 8.83 -7.49
CA LYS B 152 -14.77 9.89 -7.84
C LYS B 152 -14.89 11.09 -6.91
N ASP B 153 -13.74 11.65 -6.54
CA ASP B 153 -13.64 12.95 -5.87
C ASP B 153 -14.24 12.96 -4.49
N TYR B 154 -13.63 12.23 -3.56
CA TYR B 154 -14.05 12.25 -2.16
C TYR B 154 -12.86 12.53 -1.27
N PHE B 155 -13.15 12.93 -0.03
CA PHE B 155 -12.13 13.14 0.97
C PHE B 155 -12.77 13.08 2.34
N PRO B 156 -12.13 12.46 3.33
CA PRO B 156 -10.89 11.70 3.17
C PRO B 156 -11.18 10.23 2.90
N GLU B 157 -10.16 9.38 2.98
CA GLU B 157 -10.39 7.95 2.99
C GLU B 157 -11.03 7.55 4.31
N PRO B 158 -11.70 6.38 4.36
CA PRO B 158 -11.95 5.41 3.29
C PRO B 158 -13.37 5.45 2.76
N VAL B 159 -13.57 4.78 1.62
CA VAL B 159 -14.92 4.40 1.18
C VAL B 159 -14.96 2.88 1.12
N THR B 160 -16.16 2.34 1.26
CA THR B 160 -16.39 0.92 1.12
C THR B 160 -17.44 0.70 0.04
N VAL B 161 -17.24 -0.33 -0.76
CA VAL B 161 -18.13 -0.65 -1.87
C VAL B 161 -18.51 -2.11 -1.77
N SER B 162 -19.80 -2.41 -1.90
CA SER B 162 -20.27 -3.78 -2.05
C SER B 162 -21.18 -3.82 -3.27
N TRP B 163 -21.56 -5.04 -3.64
CA TRP B 163 -22.42 -5.27 -4.79
C TRP B 163 -23.63 -6.07 -4.33
N ASN B 164 -24.82 -5.60 -4.70
CA ASN B 164 -26.08 -6.26 -4.36
C ASN B 164 -26.18 -6.53 -2.85
N SER B 165 -25.85 -5.48 -2.08
CA SER B 165 -25.94 -5.50 -0.61
C SER B 165 -25.05 -6.57 0.01
N GLY B 166 -23.96 -6.92 -0.68
CA GLY B 166 -23.02 -7.90 -0.18
C GLY B 166 -23.25 -9.32 -0.66
N ALA B 167 -24.33 -9.58 -1.41
CA ALA B 167 -24.58 -10.93 -1.90
C ALA B 167 -23.66 -11.30 -3.07
N LEU B 168 -23.10 -10.31 -3.76
CA LEU B 168 -22.27 -10.55 -4.95
C LEU B 168 -20.83 -10.19 -4.62
N THR B 169 -19.98 -11.22 -4.53
CA THR B 169 -18.54 -11.02 -4.39
C THR B 169 -17.73 -11.71 -5.48
N SER B 170 -18.29 -12.70 -6.17
CA SER B 170 -17.58 -13.44 -7.20
C SER B 170 -17.27 -12.54 -8.39
N GLY B 171 -15.99 -12.44 -8.75
CA GLY B 171 -15.59 -11.60 -9.86
C GLY B 171 -15.48 -10.12 -9.56
N VAL B 172 -15.65 -9.70 -8.30
CA VAL B 172 -15.59 -8.30 -7.93
C VAL B 172 -14.14 -7.91 -7.64
N HIS B 173 -13.70 -6.79 -8.21
CA HIS B 173 -12.42 -6.18 -7.90
C HIS B 173 -12.65 -4.73 -7.52
N THR B 174 -12.37 -4.38 -6.26
CA THR B 174 -12.44 -3.00 -5.80
C THR B 174 -11.01 -2.49 -5.68
N PHE B 175 -10.67 -1.51 -6.51
CA PHE B 175 -9.28 -1.08 -6.62
C PHE B 175 -8.91 -0.12 -5.47
N PRO B 176 -7.64 -0.14 -5.06
CA PRO B 176 -7.17 0.85 -4.10
C PRO B 176 -7.38 2.26 -4.61
N ALA B 177 -7.71 3.17 -3.70
CA ALA B 177 -7.92 4.55 -4.08
C ALA B 177 -6.61 5.20 -4.54
N VAL B 178 -6.74 6.17 -5.44
CA VAL B 178 -5.61 7.00 -5.84
C VAL B 178 -5.88 8.42 -5.39
N LEU B 179 -4.80 9.13 -5.05
CA LEU B 179 -4.88 10.54 -4.69
C LEU B 179 -4.66 11.38 -5.93
N GLN B 180 -5.64 12.23 -6.25
CA GLN B 180 -5.57 13.08 -7.42
C GLN B 180 -4.85 14.39 -7.09
N SER B 181 -4.41 15.08 -8.15
CA SER B 181 -3.68 16.33 -7.96
C SER B 181 -4.55 17.41 -7.31
N SER B 182 -5.87 17.25 -7.33
CA SER B 182 -6.77 18.15 -6.60
C SER B 182 -6.72 17.94 -5.09
N GLY B 183 -6.12 16.85 -4.62
CA GLY B 183 -6.19 16.48 -3.22
C GLY B 183 -7.33 15.54 -2.87
N LEU B 184 -8.19 15.22 -3.83
CA LEU B 184 -9.32 14.33 -3.62
C LEU B 184 -8.98 12.92 -4.10
N TYR B 185 -9.62 11.93 -3.50
CA TYR B 185 -9.40 10.54 -3.82
C TYR B 185 -10.41 10.05 -4.86
N SER B 186 -10.07 8.93 -5.49
N SER B 186 -10.06 8.95 -5.51
CA SER B 186 -10.93 8.31 -6.48
CA SER B 186 -10.94 8.30 -6.47
C SER B 186 -10.60 6.83 -6.56
C SER B 186 -10.61 6.82 -6.52
N LEU B 187 -11.63 6.01 -6.76
CA LEU B 187 -11.43 4.58 -6.98
C LEU B 187 -12.57 4.06 -7.85
N SER B 188 -12.40 2.83 -8.31
CA SER B 188 -13.44 2.12 -9.04
CA SER B 188 -13.45 2.13 -9.03
C SER B 188 -13.58 0.71 -8.48
N SER B 189 -14.79 0.19 -8.53
CA SER B 189 -15.06 -1.21 -8.24
C SER B 189 -15.68 -1.80 -9.49
N VAL B 190 -15.19 -2.96 -9.92
CA VAL B 190 -15.66 -3.60 -11.14
C VAL B 190 -16.04 -5.04 -10.83
N VAL B 191 -16.83 -5.62 -11.72
CA VAL B 191 -17.20 -7.02 -11.63
C VAL B 191 -17.38 -7.56 -13.04
N THR B 192 -16.92 -8.78 -13.27
CA THR B 192 -17.14 -9.47 -14.52
C THR B 192 -18.34 -10.40 -14.38
N VAL B 193 -19.20 -10.39 -15.39
CA VAL B 193 -20.48 -11.11 -15.34
C VAL B 193 -20.71 -11.77 -16.70
N PRO B 194 -21.63 -12.73 -16.76
CA PRO B 194 -22.00 -13.29 -18.07
C PRO B 194 -22.64 -12.21 -18.93
N SER B 195 -22.19 -12.12 -20.18
CA SER B 195 -22.75 -11.14 -21.10
C SER B 195 -24.24 -11.40 -21.34
N SER B 196 -24.66 -12.66 -21.26
CA SER B 196 -26.06 -13.01 -21.43
C SER B 196 -26.92 -12.62 -20.23
N SER B 197 -26.32 -12.14 -19.15
CA SER B 197 -27.06 -11.75 -17.96
C SER B 197 -27.35 -10.27 -17.89
N LEU B 198 -26.92 -9.49 -18.90
CA LEU B 198 -26.98 -8.03 -18.79
C LEU B 198 -28.42 -7.52 -18.69
N GLY B 199 -29.31 -8.04 -19.52
CA GLY B 199 -30.69 -7.61 -19.46
C GLY B 199 -31.57 -8.40 -18.52
N THR B 200 -31.01 -9.37 -17.78
CA THR B 200 -31.81 -10.29 -16.99
C THR B 200 -31.46 -10.32 -15.51
N GLN B 201 -30.25 -9.94 -15.12
CA GLN B 201 -29.87 -9.83 -13.72
C GLN B 201 -29.55 -8.38 -13.41
N THR B 202 -29.56 -8.04 -12.12
CA THR B 202 -29.39 -6.67 -11.67
C THR B 202 -28.12 -6.54 -10.85
N TYR B 203 -27.36 -5.48 -11.10
CA TYR B 203 -26.09 -5.22 -10.43
C TYR B 203 -26.12 -3.83 -9.85
N ILE B 204 -26.09 -3.74 -8.52
CA ILE B 204 -26.18 -2.48 -7.79
C ILE B 204 -24.93 -2.35 -6.92
N CYS B 205 -24.16 -1.30 -7.13
CA CYS B 205 -23.03 -1.04 -6.27
C CYS B 205 -23.48 -0.19 -5.08
N ASN B 206 -23.09 -0.61 -3.88
CA ASN B 206 -23.43 0.08 -2.65
C ASN B 206 -22.17 0.79 -2.16
N VAL B 207 -22.21 2.11 -2.13
CA VAL B 207 -21.04 2.93 -1.81
C VAL B 207 -21.31 3.64 -0.50
N ASN B 208 -20.38 3.49 0.46
CA ASN B 208 -20.51 4.15 1.75
C ASN B 208 -19.26 5.00 2.00
N HIS B 209 -19.47 6.28 2.29
CA HIS B 209 -18.40 7.19 2.69
C HIS B 209 -18.85 7.85 4.00
N LYS B 210 -18.40 7.27 5.11
CA LYS B 210 -18.85 7.75 6.42
C LYS B 210 -18.52 9.22 6.69
N PRO B 211 -17.31 9.75 6.40
CA PRO B 211 -17.04 11.15 6.77
C PRO B 211 -18.05 12.14 6.20
N SER B 212 -18.63 11.86 5.03
CA SER B 212 -19.65 12.72 4.46
C SER B 212 -21.05 12.17 4.63
N ASN B 213 -21.21 11.06 5.36
CA ASN B 213 -22.51 10.38 5.51
C ASN B 213 -23.15 10.12 4.15
N THR B 214 -22.32 9.71 3.19
CA THR B 214 -22.78 9.38 1.85
C THR B 214 -23.13 7.90 1.78
N LYS B 215 -24.35 7.60 1.36
CA LYS B 215 -24.80 6.23 1.14
C LYS B 215 -25.52 6.20 -0.20
N VAL B 216 -24.92 5.54 -1.19
CA VAL B 216 -25.42 5.54 -2.55
C VAL B 216 -25.57 4.11 -3.04
N ASP B 217 -26.73 3.78 -3.57
CA ASP B 217 -26.95 2.56 -4.33
C ASP B 217 -27.15 2.97 -5.79
N LYS B 218 -26.32 2.45 -6.68
CA LYS B 218 -26.36 2.81 -8.08
C LYS B 218 -26.54 1.53 -8.91
N LYS B 219 -27.68 1.42 -9.58
CA LYS B 219 -27.91 0.30 -10.48
C LYS B 219 -27.16 0.56 -11.78
N VAL B 220 -26.45 -0.45 -12.26
CA VAL B 220 -25.58 -0.32 -13.43
C VAL B 220 -26.17 -1.18 -14.55
N GLU B 221 -26.70 -0.52 -15.58
CA GLU B 221 -27.31 -1.15 -16.74
C GLU B 221 -26.51 -0.81 -18.00
N PRO B 222 -26.63 -1.64 -19.05
CA PRO B 222 -25.94 -1.35 -20.32
C PRO B 222 -26.31 0.00 -20.93
N GLU C 1 23.31 9.47 5.63
CA GLU C 1 22.61 8.31 6.14
C GLU C 1 23.06 7.04 5.43
N ILE C 2 23.00 5.91 6.12
CA ILE C 2 23.34 4.63 5.51
C ILE C 2 22.16 4.16 4.68
N VAL C 3 22.37 4.02 3.38
CA VAL C 3 21.32 3.59 2.46
C VAL C 3 21.38 2.09 2.31
N LEU C 4 20.23 1.43 2.43
CA LEU C 4 20.09 -0.01 2.22
C LEU C 4 19.35 -0.24 0.92
N THR C 5 19.94 -1.02 0.02
CA THR C 5 19.31 -1.38 -1.23
C THR C 5 18.98 -2.88 -1.22
N GLN C 6 17.79 -3.22 -1.69
CA GLN C 6 17.33 -4.60 -1.67
C GLN C 6 17.12 -5.09 -3.10
N SER C 7 17.60 -6.30 -3.37
CA SER C 7 17.42 -6.94 -4.67
C SER C 7 17.04 -8.39 -4.46
N PRO C 8 16.22 -8.96 -5.36
CA PRO C 8 15.56 -8.23 -6.45
C PRO C 8 14.37 -7.43 -5.93
N VAL C 9 13.94 -6.42 -6.69
CA VAL C 9 12.82 -5.59 -6.23
CA VAL C 9 12.82 -5.59 -6.24
C VAL C 9 11.57 -6.44 -6.09
N THR C 10 11.38 -7.42 -6.97
CA THR C 10 10.29 -8.37 -6.92
C THR C 10 10.83 -9.77 -7.14
N LEU C 11 10.19 -10.76 -6.53
CA LEU C 11 10.57 -12.15 -6.69
C LEU C 11 9.31 -12.98 -6.83
N SER C 12 9.27 -13.83 -7.84
CA SER C 12 8.10 -14.64 -8.15
C SER C 12 8.49 -16.11 -8.10
N LEU C 13 7.89 -16.87 -7.17
CA LEU C 13 8.29 -18.23 -6.94
C LEU C 13 7.08 -19.08 -6.58
N SER C 14 7.22 -20.37 -6.78
CA SER C 14 6.15 -21.28 -6.42
C SER C 14 6.32 -21.76 -4.99
N PRO C 15 5.23 -22.15 -4.33
CA PRO C 15 5.36 -22.78 -3.01
C PRO C 15 6.26 -24.00 -3.08
N GLY C 16 7.09 -24.16 -2.03
CA GLY C 16 8.06 -25.23 -1.99
C GLY C 16 9.42 -24.88 -2.56
N GLU C 17 9.55 -23.74 -3.23
CA GLU C 17 10.84 -23.32 -3.77
C GLU C 17 11.62 -22.53 -2.71
N ARG C 18 12.89 -22.27 -3.02
CA ARG C 18 13.78 -21.55 -2.13
C ARG C 18 13.90 -20.11 -2.60
N ALA C 19 13.74 -19.16 -1.68
CA ALA C 19 13.86 -17.73 -1.99
C ALA C 19 15.15 -17.18 -1.40
N THR C 20 15.85 -16.38 -2.18
CA THR C 20 17.09 -15.73 -1.77
C THR C 20 16.97 -14.23 -1.95
N LEU C 21 17.00 -13.48 -0.86
CA LEU C 21 16.83 -12.03 -0.86
C LEU C 21 18.11 -11.36 -0.41
N SER C 22 18.49 -10.29 -1.09
CA SER C 22 19.75 -9.59 -0.83
C SER C 22 19.51 -8.17 -0.33
N CYS C 23 20.32 -7.75 0.63
CA CYS C 23 20.33 -6.39 1.14
C CYS C 23 21.77 -5.90 1.11
N ARG C 24 22.01 -4.73 0.53
CA ARG C 24 23.35 -4.15 0.46
C ARG C 24 23.34 -2.77 1.10
N ALA C 25 24.27 -2.54 2.02
CA ALA C 25 24.39 -1.26 2.70
C ALA C 25 25.41 -0.37 2.00
N SER C 26 25.14 0.95 2.02
CA SER C 26 26.03 1.91 1.37
C SER C 26 27.37 2.05 2.09
N GLN C 27 27.43 1.63 3.35
CA GLN C 27 28.69 1.52 4.07
C GLN C 27 28.53 0.43 5.12
N SER C 28 29.65 0.02 5.71
CA SER C 28 29.62 -1.14 6.60
C SER C 28 28.70 -0.88 7.79
N VAL C 29 27.88 -1.88 8.12
CA VAL C 29 27.03 -1.85 9.30
C VAL C 29 27.38 -2.97 10.27
N SER C 30 28.61 -3.50 10.19
CA SER C 30 29.04 -4.65 10.99
C SER C 30 28.06 -5.79 10.73
N ASN C 31 27.50 -6.43 11.76
CA ASN C 31 26.41 -7.39 11.59
C ASN C 31 25.09 -6.87 12.15
N TYR C 32 24.94 -5.55 12.25
CA TYR C 32 23.78 -4.92 12.88
C TYR C 32 22.63 -4.78 11.87
N LEU C 33 22.11 -5.92 11.44
CA LEU C 33 21.05 -5.94 10.42
C LEU C 33 19.93 -6.85 10.87
N ALA C 34 18.70 -6.44 10.59
CA ALA C 34 17.52 -7.25 10.87
C ALA C 34 16.66 -7.38 9.61
N TRP C 35 15.84 -8.42 9.60
CA TRP C 35 14.87 -8.63 8.53
C TRP C 35 13.47 -8.63 9.12
N TYR C 36 12.53 -8.03 8.39
CA TYR C 36 11.14 -7.92 8.81
C TYR C 36 10.24 -8.42 7.70
N GLN C 37 9.11 -9.00 8.08
CA GLN C 37 8.10 -9.45 7.14
C GLN C 37 6.86 -8.60 7.31
N GLN C 38 6.20 -8.25 6.22
CA GLN C 38 4.94 -7.50 6.32
C GLN C 38 3.95 -7.98 5.28
N LYS C 39 2.76 -8.31 5.73
CA LYS C 39 1.62 -8.69 4.90
C LYS C 39 0.67 -7.51 4.75
N PRO C 40 -0.14 -7.49 3.70
CA PRO C 40 -1.00 -6.32 3.45
C PRO C 40 -1.90 -6.02 4.63
N GLY C 41 -1.94 -4.74 5.01
CA GLY C 41 -2.78 -4.30 6.10
C GLY C 41 -2.30 -4.66 7.49
N GLN C 42 -1.08 -5.19 7.63
CA GLN C 42 -0.55 -5.62 8.91
C GLN C 42 0.74 -4.86 9.22
N ALA C 43 1.08 -4.83 10.51
CA ALA C 43 2.34 -4.26 10.93
C ALA C 43 3.49 -5.20 10.59
N PRO C 44 4.70 -4.67 10.46
CA PRO C 44 5.86 -5.55 10.23
C PRO C 44 6.10 -6.46 11.42
N ARG C 45 6.77 -7.58 11.14
CA ARG C 45 7.14 -8.55 12.16
C ARG C 45 8.63 -8.81 12.07
N LEU C 46 9.30 -8.78 13.22
CA LEU C 46 10.73 -9.09 13.24
C LEU C 46 10.94 -10.58 12.99
N LEU C 47 11.83 -10.89 12.05
CA LEU C 47 12.18 -12.27 11.70
C LEU C 47 13.58 -12.64 12.18
N ILE C 48 14.59 -11.88 11.75
CA ILE C 48 16.00 -12.14 12.00
C ILE C 48 16.61 -10.86 12.55
N TYR C 49 17.57 -11.01 13.48
CA TYR C 49 18.31 -9.85 13.99
C TYR C 49 19.77 -10.24 14.16
N ASP C 50 20.63 -9.22 14.24
CA ASP C 50 22.08 -9.41 14.25
C ASP C 50 22.52 -10.26 13.06
N ALA C 51 21.87 -10.02 11.92
CA ALA C 51 22.13 -10.66 10.63
C ALA C 51 21.73 -12.13 10.58
N ALA C 52 21.86 -12.88 11.69
CA ALA C 52 21.73 -14.33 11.61
C ALA C 52 20.90 -14.99 12.70
N ASN C 53 20.37 -14.25 13.67
CA ASN C 53 19.65 -14.84 14.79
C ASN C 53 18.15 -14.79 14.54
N ARG C 54 17.48 -15.93 14.68
CA ARG C 54 16.04 -15.99 14.51
C ARG C 54 15.34 -15.47 15.75
N ALA C 55 14.36 -14.59 15.54
CA ALA C 55 13.51 -14.15 16.64
C ALA C 55 12.59 -15.28 17.07
N THR C 56 12.09 -15.18 18.30
CA THR C 56 11.14 -16.16 18.80
C THR C 56 9.94 -16.26 17.87
N GLY C 57 9.56 -17.48 17.51
CA GLY C 57 8.45 -17.71 16.62
C GLY C 57 8.76 -17.70 15.14
N THR C 58 9.99 -17.36 14.75
CA THR C 58 10.38 -17.42 13.35
C THR C 58 10.67 -18.87 12.96
N PRO C 59 10.01 -19.41 11.93
CA PRO C 59 10.22 -20.81 11.56
C PRO C 59 11.64 -21.06 11.05
N ALA C 60 12.05 -22.33 11.14
CA ALA C 60 13.42 -22.72 10.81
C ALA C 60 13.74 -22.51 9.34
N ARG C 61 12.73 -22.47 8.46
CA ARG C 61 13.03 -22.25 7.05
C ARG C 61 13.57 -20.86 6.75
N PHE C 62 13.47 -19.91 7.69
CA PHE C 62 14.06 -18.60 7.53
C PHE C 62 15.47 -18.59 8.10
N SER C 63 16.44 -18.14 7.32
CA SER C 63 17.81 -18.04 7.81
C SER C 63 18.48 -16.84 7.16
N GLY C 64 19.36 -16.20 7.92
CA GLY C 64 20.03 -15.01 7.44
C GLY C 64 21.52 -15.10 7.70
N SER C 65 22.27 -14.36 6.89
CA SER C 65 23.71 -14.26 7.06
C SER C 65 24.18 -12.96 6.42
N GLY C 66 25.45 -12.64 6.62
CA GLY C 66 26.03 -11.45 6.04
C GLY C 66 26.84 -10.65 7.05
N SER C 67 27.54 -9.66 6.52
N SER C 67 27.56 -9.68 6.52
CA SER C 67 28.47 -8.86 7.32
CA SER C 67 28.39 -8.80 7.34
C SER C 67 28.96 -7.69 6.48
C SER C 67 28.80 -7.63 6.48
N GLY C 68 29.27 -6.57 7.14
CA GLY C 68 29.77 -5.41 6.44
C GLY C 68 28.70 -4.73 5.61
N THR C 69 28.71 -4.95 4.29
CA THR C 69 27.69 -4.35 3.45
C THR C 69 26.74 -5.34 2.78
N ASP C 70 27.07 -6.63 2.72
CA ASP C 70 26.28 -7.60 1.96
C ASP C 70 25.60 -8.58 2.90
N PHE C 71 24.29 -8.78 2.70
CA PHE C 71 23.48 -9.61 3.58
C PHE C 71 22.48 -10.39 2.74
N THR C 72 22.06 -11.55 3.26
CA THR C 72 21.21 -12.48 2.52
C THR C 72 20.17 -13.07 3.45
N LEU C 73 18.89 -13.01 3.04
CA LEU C 73 17.83 -13.76 3.68
C LEU C 73 17.43 -14.91 2.76
N THR C 74 17.38 -16.12 3.32
CA THR C 74 16.97 -17.30 2.57
C THR C 74 15.70 -17.89 3.19
N ILE C 75 14.69 -18.13 2.37
CA ILE C 75 13.49 -18.84 2.80
C ILE C 75 13.46 -20.17 2.06
N SER C 76 13.72 -21.25 2.78
CA SER C 76 13.63 -22.58 2.20
C SER C 76 12.18 -23.04 2.16
N SER C 77 11.87 -23.87 1.15
CA SER C 77 10.54 -24.48 1.00
CA SER C 77 10.55 -24.49 1.03
C SER C 77 9.42 -23.50 1.33
N LEU C 78 9.23 -22.51 0.46
CA LEU C 78 8.22 -21.48 0.69
C LEU C 78 6.85 -22.10 0.97
N GLU C 79 6.19 -21.58 2.00
CA GLU C 79 4.81 -21.84 2.35
C GLU C 79 3.93 -20.71 1.86
N PRO C 80 2.63 -20.95 1.64
CA PRO C 80 1.76 -19.87 1.14
C PRO C 80 1.76 -18.62 2.02
N GLU C 81 1.88 -18.78 3.33
CA GLU C 81 1.90 -17.61 4.20
C GLU C 81 3.20 -16.82 4.10
N ASP C 82 4.21 -17.35 3.43
CA ASP C 82 5.49 -16.64 3.32
C ASP C 82 5.51 -15.59 2.22
N PHE C 83 4.49 -15.52 1.39
CA PHE C 83 4.49 -14.55 0.28
C PHE C 83 4.03 -13.21 0.82
N ALA C 84 4.98 -12.27 0.91
CA ALA C 84 4.77 -11.00 1.57
C ALA C 84 5.91 -10.07 1.15
N VAL C 85 6.01 -8.93 1.81
CA VAL C 85 7.11 -7.99 1.61
C VAL C 85 8.14 -8.17 2.72
N TYR C 86 9.42 -8.10 2.36
CA TYR C 86 10.50 -8.25 3.32
C TYR C 86 11.39 -7.01 3.28
N PHE C 87 11.63 -6.43 4.47
CA PHE C 87 12.49 -5.27 4.65
C PHE C 87 13.73 -5.68 5.44
N CYS C 88 14.88 -5.14 5.05
CA CYS C 88 16.04 -5.17 5.93
C CYS C 88 16.15 -3.83 6.66
N GLN C 89 16.92 -3.83 7.76
CA GLN C 89 17.05 -2.68 8.63
C GLN C 89 18.43 -2.72 9.29
N GLN C 90 19.14 -1.60 9.30
CA GLN C 90 20.41 -1.51 10.02
C GLN C 90 20.27 -0.65 11.25
N ARG C 91 21.11 -0.93 12.25
CA ARG C 91 21.17 -0.12 13.47
C ARG C 91 22.59 0.27 13.80
N SER C 92 23.46 0.33 12.79
CA SER C 92 24.84 0.75 13.04
C SER C 92 24.94 2.28 13.16
N LYS C 93 24.22 3.01 12.31
CA LYS C 93 24.18 4.47 12.35
C LYS C 93 22.71 4.88 12.35
N TRP C 94 22.19 5.16 13.54
CA TRP C 94 20.75 5.42 13.76
C TRP C 94 19.98 4.22 13.20
N PHE C 95 18.90 4.42 12.44
CA PHE C 95 18.05 3.34 11.97
C PHE C 95 17.57 3.69 10.57
N THR C 96 17.85 2.82 9.60
CA THR C 96 17.30 2.94 8.25
C THR C 96 16.86 1.58 7.76
N PHE C 97 15.92 1.59 6.82
CA PHE C 97 15.34 0.38 6.23
C PHE C 97 15.62 0.35 4.73
N GLY C 98 15.68 -0.85 4.18
CA GLY C 98 15.61 -1.04 2.75
C GLY C 98 14.20 -0.80 2.26
N PRO C 99 14.02 -0.63 0.95
CA PRO C 99 12.71 -0.34 0.40
C PRO C 99 11.79 -1.54 0.28
N GLY C 100 12.27 -2.74 0.60
CA GLY C 100 11.44 -3.92 0.55
C GLY C 100 11.56 -4.69 -0.74
N THR C 101 11.48 -6.01 -0.63
CA THR C 101 11.37 -6.92 -1.76
C THR C 101 10.02 -7.62 -1.65
N LYS C 102 9.23 -7.56 -2.71
CA LYS C 102 7.91 -8.17 -2.72
C LYS C 102 8.01 -9.56 -3.34
N LEU C 103 7.59 -10.58 -2.58
CA LEU C 103 7.60 -11.97 -3.03
C LEU C 103 6.15 -12.40 -3.29
N ASP C 104 5.84 -12.71 -4.55
CA ASP C 104 4.50 -13.16 -4.90
C ASP C 104 4.53 -14.57 -5.50
N ILE C 105 3.34 -15.13 -5.66
CA ILE C 105 3.19 -16.52 -6.07
C ILE C 105 3.29 -16.62 -7.59
N LYS C 106 4.24 -17.42 -8.06
CA LYS C 106 4.40 -17.65 -9.50
C LYS C 106 3.36 -18.67 -9.95
N ARG C 107 2.52 -18.27 -10.90
CA ARG C 107 1.58 -19.15 -11.57
C ARG C 107 1.85 -19.09 -13.07
N THR C 108 1.11 -19.88 -13.84
CA THR C 108 1.26 -19.84 -15.29
C THR C 108 0.85 -18.46 -15.81
N VAL C 109 1.48 -18.06 -16.93
CA VAL C 109 1.19 -16.77 -17.53
C VAL C 109 -0.27 -16.71 -17.94
N ALA C 110 -0.92 -15.59 -17.66
CA ALA C 110 -2.33 -15.40 -17.96
C ALA C 110 -2.50 -14.04 -18.61
N ALA C 111 -3.02 -14.03 -19.84
CA ALA C 111 -3.24 -12.77 -20.52
C ALA C 111 -4.43 -12.03 -19.89
N PRO C 112 -4.36 -10.72 -19.76
CA PRO C 112 -5.51 -9.97 -19.24
C PRO C 112 -6.65 -9.97 -20.25
N SER C 113 -7.87 -9.99 -19.72
CA SER C 113 -9.02 -9.56 -20.49
C SER C 113 -9.13 -8.05 -20.36
N VAL C 114 -9.35 -7.37 -21.48
CA VAL C 114 -9.27 -5.90 -21.54
C VAL C 114 -10.67 -5.34 -21.84
N PHE C 115 -11.05 -4.32 -21.08
CA PHE C 115 -12.34 -3.65 -21.27
C PHE C 115 -12.12 -2.15 -21.18
N ILE C 116 -12.89 -1.39 -21.96
CA ILE C 116 -12.81 0.06 -21.93
C ILE C 116 -14.20 0.63 -21.65
N PHE C 117 -14.25 1.67 -20.82
CA PHE C 117 -15.51 2.29 -20.42
C PHE C 117 -15.48 3.77 -20.77
N PRO C 118 -16.38 4.26 -21.61
CA PRO C 118 -16.49 5.70 -21.84
C PRO C 118 -17.05 6.39 -20.61
N PRO C 119 -16.87 7.71 -20.49
CA PRO C 119 -17.49 8.43 -19.38
C PRO C 119 -19.00 8.40 -19.50
N SER C 120 -19.67 8.40 -18.35
CA SER C 120 -21.12 8.47 -18.34
C SER C 120 -21.59 9.86 -18.73
N ASP C 121 -22.83 9.95 -19.22
CA ASP C 121 -23.41 11.24 -19.51
C ASP C 121 -23.56 12.08 -18.25
N GLU C 122 -23.83 11.43 -17.12
CA GLU C 122 -24.00 12.15 -15.86
C GLU C 122 -22.71 12.86 -15.46
N GLN C 123 -21.56 12.21 -15.61
CA GLN C 123 -20.30 12.87 -15.29
C GLN C 123 -20.01 14.01 -16.26
N LEU C 124 -20.28 13.81 -17.55
CA LEU C 124 -20.06 14.86 -18.54
C LEU C 124 -20.84 16.13 -18.19
N LYS C 125 -22.04 15.96 -17.62
CA LYS C 125 -22.82 17.11 -17.19
C LYS C 125 -22.11 17.92 -16.11
N SER C 126 -21.17 17.31 -15.38
CA SER C 126 -20.45 17.99 -14.31
C SER C 126 -19.20 18.71 -14.80
N GLY C 127 -18.79 18.49 -16.04
CA GLY C 127 -17.65 19.19 -16.60
C GLY C 127 -16.37 18.39 -16.69
N THR C 128 -16.39 17.10 -16.35
CA THR C 128 -15.21 16.25 -16.38
C THR C 128 -15.53 14.94 -17.08
N ALA C 129 -14.51 14.33 -17.69
CA ALA C 129 -14.66 13.06 -18.38
C ALA C 129 -13.58 12.10 -17.90
N SER C 130 -13.99 10.98 -17.33
CA SER C 130 -13.08 9.91 -16.93
C SER C 130 -13.28 8.71 -17.86
N VAL C 131 -12.20 8.28 -18.50
CA VAL C 131 -12.19 7.09 -19.35
C VAL C 131 -11.40 6.01 -18.65
N VAL C 132 -11.99 4.83 -18.50
CA VAL C 132 -11.44 3.76 -17.68
C VAL C 132 -11.12 2.56 -18.55
N CYS C 133 -9.90 2.03 -18.39
CA CYS C 133 -9.45 0.81 -19.05
C CYS C 133 -9.16 -0.23 -17.98
N LEU C 134 -9.77 -1.41 -18.12
CA LEU C 134 -9.66 -2.47 -17.14
C LEU C 134 -8.88 -3.66 -17.71
N LEU C 135 -7.85 -4.09 -16.97
CA LEU C 135 -7.12 -5.32 -17.25
C LEU C 135 -7.45 -6.31 -16.14
N ASN C 136 -8.10 -7.41 -16.50
CA ASN C 136 -8.67 -8.31 -15.52
C ASN C 136 -7.96 -9.66 -15.52
N ASN C 137 -7.50 -10.08 -14.34
CA ASN C 137 -7.05 -11.45 -14.05
C ASN C 137 -5.90 -11.87 -14.97
N PHE C 138 -4.77 -11.20 -14.76
CA PHE C 138 -3.57 -11.50 -15.55
C PHE C 138 -2.40 -11.82 -14.62
N TYR C 139 -1.39 -12.46 -15.21
CA TYR C 139 -0.15 -12.77 -14.52
C TYR C 139 0.94 -12.90 -15.57
N PRO C 140 2.14 -12.34 -15.34
CA PRO C 140 2.59 -11.58 -14.17
C PRO C 140 2.05 -10.14 -14.09
N ARG C 141 2.44 -9.45 -13.01
CA ARG C 141 1.93 -8.11 -12.73
CA ARG C 141 1.89 -8.13 -12.77
C ARG C 141 2.40 -7.10 -13.77
N GLU C 142 3.58 -7.31 -14.35
CA GLU C 142 4.12 -6.37 -15.32
C GLU C 142 3.19 -6.23 -16.52
N ALA C 143 2.83 -4.99 -16.86
CA ALA C 143 2.03 -4.71 -18.04
C ALA C 143 2.20 -3.25 -18.41
N LYS C 144 2.06 -2.96 -19.70
CA LYS C 144 2.12 -1.60 -20.22
C LYS C 144 0.76 -1.22 -20.77
N VAL C 145 0.20 -0.12 -20.24
CA VAL C 145 -1.09 0.41 -20.66
C VAL C 145 -0.87 1.84 -21.15
N GLN C 146 -1.21 2.09 -22.41
CA GLN C 146 -1.03 3.40 -23.01
C GLN C 146 -2.36 3.90 -23.52
N TRP C 147 -2.60 5.19 -23.33
CA TRP C 147 -3.79 5.87 -23.83
C TRP C 147 -3.46 6.61 -25.12
N LYS C 148 -4.30 6.43 -26.13
CA LYS C 148 -4.14 7.15 -27.38
C LYS C 148 -5.48 7.75 -27.76
N VAL C 149 -5.49 9.06 -27.98
CA VAL C 149 -6.68 9.83 -28.28
C VAL C 149 -6.48 10.43 -29.66
N ASP C 150 -7.26 9.96 -30.64
CA ASP C 150 -7.02 10.26 -32.04
C ASP C 150 -5.56 9.98 -32.41
N ASN C 151 -5.05 8.84 -31.91
CA ASN C 151 -3.71 8.32 -32.16
C ASN C 151 -2.60 9.10 -31.47
N ALA C 152 -2.94 10.06 -30.61
CA ALA C 152 -1.94 10.80 -29.85
C ALA C 152 -1.73 10.16 -28.49
N LEU C 153 -0.48 9.83 -28.17
CA LEU C 153 -0.16 9.22 -26.88
C LEU C 153 -0.39 10.22 -25.76
N GLN C 154 -1.17 9.82 -24.76
CA GLN C 154 -1.46 10.67 -23.61
C GLN C 154 -0.40 10.51 -22.54
N SER C 155 0.06 11.64 -21.99
CA SER C 155 1.06 11.65 -20.93
C SER C 155 0.63 12.61 -19.84
N GLY C 156 0.70 12.17 -18.59
CA GLY C 156 0.48 13.03 -17.46
C GLY C 156 -0.98 13.26 -17.07
N ASN C 157 -1.93 12.61 -17.74
CA ASN C 157 -3.34 12.79 -17.38
C ASN C 157 -4.02 11.46 -17.10
N SER C 158 -3.27 10.45 -16.65
CA SER C 158 -3.86 9.17 -16.29
C SER C 158 -3.21 8.64 -15.02
N GLN C 159 -3.95 7.79 -14.31
CA GLN C 159 -3.47 7.14 -13.09
C GLN C 159 -3.85 5.67 -13.10
N GLU C 160 -2.97 4.83 -12.55
CA GLU C 160 -3.17 3.39 -12.50
C GLU C 160 -3.39 2.93 -11.06
N SER C 161 -4.14 1.85 -10.93
CA SER C 161 -4.35 1.19 -9.65
C SER C 161 -4.39 -0.30 -9.89
N VAL C 162 -3.77 -1.06 -8.98
CA VAL C 162 -3.63 -2.50 -9.16
C VAL C 162 -4.05 -3.20 -7.87
N THR C 163 -4.74 -4.32 -8.02
CA THR C 163 -5.14 -5.09 -6.85
C THR C 163 -3.96 -5.89 -6.30
N GLU C 164 -4.13 -6.42 -5.10
N GLU C 164 -4.13 -6.41 -5.10
CA GLU C 164 -3.20 -7.39 -4.59
CA GLU C 164 -3.17 -7.39 -4.62
C GLU C 164 -3.42 -8.73 -5.29
C GLU C 164 -3.41 -8.72 -5.31
N GLN C 165 -2.42 -9.60 -5.20
CA GLN C 165 -2.52 -10.90 -5.86
C GLN C 165 -3.71 -11.67 -5.30
N ASP C 166 -4.55 -12.18 -6.20
CA ASP C 166 -5.80 -12.79 -5.79
C ASP C 166 -5.54 -14.07 -5.01
N SER C 167 -6.24 -14.24 -3.90
CA SER C 167 -6.03 -15.41 -3.06
C SER C 167 -6.53 -16.70 -3.70
N LYS C 168 -7.35 -16.60 -4.74
CA LYS C 168 -7.99 -17.77 -5.34
C LYS C 168 -7.34 -18.22 -6.64
N ASP C 169 -6.95 -17.31 -7.53
CA ASP C 169 -6.35 -17.70 -8.80
C ASP C 169 -4.97 -17.08 -9.03
N SER C 170 -4.42 -16.37 -8.04
CA SER C 170 -3.07 -15.79 -8.07
C SER C 170 -2.87 -14.77 -9.18
N THR C 171 -3.94 -14.16 -9.68
CA THR C 171 -3.82 -13.17 -10.73
C THR C 171 -3.90 -11.76 -10.15
N TYR C 172 -3.64 -10.78 -11.03
CA TYR C 172 -3.79 -9.37 -10.72
C TYR C 172 -4.85 -8.76 -11.63
N SER C 173 -5.41 -7.65 -11.19
CA SER C 173 -6.26 -6.82 -12.04
C SER C 173 -5.78 -5.38 -11.92
N LEU C 174 -5.97 -4.61 -13.00
CA LEU C 174 -5.40 -3.28 -13.07
C LEU C 174 -6.37 -2.34 -13.77
N SER C 175 -6.48 -1.12 -13.26
CA SER C 175 -7.28 -0.08 -13.89
C SER C 175 -6.37 1.09 -14.28
N SER C 176 -6.63 1.67 -15.43
CA SER C 176 -6.01 2.93 -15.82
C SER C 176 -7.11 3.92 -16.16
N THR C 177 -7.07 5.09 -15.53
CA THR C 177 -8.12 6.08 -15.67
C THR C 177 -7.55 7.33 -16.32
N LEU C 178 -8.07 7.68 -17.49
CA LEU C 178 -7.71 8.89 -18.20
C LEU C 178 -8.71 9.98 -17.84
N THR C 179 -8.22 11.10 -17.32
CA THR C 179 -9.08 12.19 -16.87
C THR C 179 -8.85 13.41 -17.76
N LEU C 180 -9.92 13.88 -18.38
CA LEU C 180 -9.90 15.08 -19.20
C LEU C 180 -11.02 16.02 -18.77
N SER C 181 -10.90 17.28 -19.16
CA SER C 181 -12.02 18.19 -19.02
C SER C 181 -13.07 17.85 -20.07
N LYS C 182 -14.31 18.29 -19.83
CA LYS C 182 -15.37 18.04 -20.80
C LYS C 182 -15.02 18.65 -22.16
N ALA C 183 -14.44 19.85 -22.17
CA ALA C 183 -14.09 20.50 -23.42
C ALA C 183 -13.01 19.72 -24.16
N ASP C 184 -11.97 19.27 -23.45
CA ASP C 184 -10.94 18.47 -24.09
C ASP C 184 -11.49 17.15 -24.60
N TYR C 185 -12.37 16.52 -23.81
CA TYR C 185 -12.92 15.23 -24.22
C TYR C 185 -13.68 15.34 -25.53
N GLU C 186 -14.47 16.40 -25.70
CA GLU C 186 -15.30 16.57 -26.89
C GLU C 186 -14.53 17.13 -28.08
N LYS C 187 -13.23 17.43 -27.92
CA LYS C 187 -12.40 17.83 -29.05
C LYS C 187 -11.99 16.65 -29.93
N HIS C 188 -12.11 15.42 -29.45
CA HIS C 188 -11.59 14.26 -30.14
C HIS C 188 -12.65 13.17 -30.21
N LYS C 189 -12.43 12.21 -31.11
CA LYS C 189 -13.42 11.18 -31.40
C LYS C 189 -13.02 9.80 -30.91
N VAL C 190 -11.81 9.32 -31.22
CA VAL C 190 -11.42 7.94 -30.95
C VAL C 190 -10.60 7.89 -29.67
N TYR C 191 -11.06 7.11 -28.70
CA TYR C 191 -10.38 6.90 -27.44
C TYR C 191 -9.95 5.43 -27.35
N ALA C 192 -8.65 5.20 -27.18
CA ALA C 192 -8.10 3.86 -27.29
C ALA C 192 -7.16 3.56 -26.13
N CYS C 193 -7.22 2.32 -25.67
CA CYS C 193 -6.33 1.79 -24.64
CA CYS C 193 -6.29 1.82 -24.67
C CYS C 193 -5.55 0.64 -25.27
N GLU C 194 -4.22 0.72 -25.26
CA GLU C 194 -3.36 -0.30 -25.82
C GLU C 194 -2.64 -1.03 -24.69
N VAL C 195 -2.77 -2.35 -24.67
CA VAL C 195 -2.28 -3.19 -23.57
C VAL C 195 -1.20 -4.12 -24.10
N THR C 196 -0.01 -4.02 -23.52
CA THR C 196 1.10 -4.90 -23.84
C THR C 196 1.38 -5.78 -22.63
N HIS C 197 1.35 -7.10 -22.85
CA HIS C 197 1.53 -8.05 -21.76
C HIS C 197 2.13 -9.34 -22.32
N GLN C 198 2.97 -9.99 -21.50
CA GLN C 198 3.69 -11.18 -21.93
C GLN C 198 2.75 -12.30 -22.36
N GLY C 199 1.53 -12.33 -21.83
CA GLY C 199 0.59 -13.38 -22.20
C GLY C 199 -0.13 -13.17 -23.51
N LEU C 200 0.02 -12.00 -24.11
CA LEU C 200 -0.62 -11.67 -25.38
C LEU C 200 0.39 -11.80 -26.50
N SER C 201 0.06 -12.59 -27.52
CA SER C 201 0.97 -12.75 -28.65
C SER C 201 1.19 -11.42 -29.38
N SER C 202 0.22 -10.51 -29.29
CA SER C 202 0.31 -9.16 -29.82
C SER C 202 -0.44 -8.25 -28.89
N PRO C 203 -0.01 -6.99 -28.76
CA PRO C 203 -0.74 -6.06 -27.88
C PRO C 203 -2.21 -5.94 -28.30
N VAL C 204 -3.06 -5.74 -27.31
CA VAL C 204 -4.50 -5.62 -27.52
C VAL C 204 -4.89 -4.15 -27.44
N THR C 205 -5.72 -3.71 -28.37
CA THR C 205 -6.29 -2.36 -28.37
C THR C 205 -7.80 -2.47 -28.19
N LYS C 206 -8.33 -1.75 -27.21
CA LYS C 206 -9.76 -1.57 -27.07
C LYS C 206 -10.05 -0.08 -27.26
N SER C 207 -11.12 0.22 -28.00
CA SER C 207 -11.38 1.61 -28.34
C SER C 207 -12.87 1.83 -28.53
N PHE C 208 -13.26 3.10 -28.51
CA PHE C 208 -14.62 3.50 -28.86
C PHE C 208 -14.56 4.86 -29.54
N ASN C 209 -15.63 5.18 -30.26
CA ASN C 209 -15.84 6.51 -30.81
C ASN C 209 -16.72 7.30 -29.86
N ARG C 210 -16.28 8.50 -29.47
CA ARG C 210 -17.06 9.32 -28.56
C ARG C 210 -18.43 9.62 -29.15
N GLY C 211 -19.47 9.42 -28.34
CA GLY C 211 -20.82 9.69 -28.76
C GLY C 211 -21.45 8.63 -29.63
N GLU C 212 -20.87 7.42 -29.67
CA GLU C 212 -21.43 6.35 -30.47
C GLU C 212 -21.61 5.08 -29.64
C1 EDO D . 10.92 5.78 35.84
O1 EDO D . 10.41 4.45 35.80
C2 EDO D . 9.78 6.76 35.53
O2 EDO D . 8.73 6.58 36.48
C1 EDO E . -8.94 6.22 -10.44
O1 EDO E . -8.19 5.13 -9.90
C2 EDO E . -10.41 5.85 -10.51
O2 EDO E . -10.58 4.67 -11.31
C1 EDO F . 15.72 -26.04 0.11
O1 EDO F . 16.14 -24.75 0.54
C2 EDO F . 14.22 -26.11 0.25
O2 EDO F . 13.66 -24.98 -0.42
C1 EDO G . -7.32 -11.50 -1.91
O1 EDO G . -7.99 -12.20 -2.98
C2 EDO G . -6.35 -10.48 -2.47
O2 EDO G . -7.03 -9.54 -3.30
C1 EDO H . -25.63 7.42 -17.47
O1 EDO H . -25.27 8.76 -17.11
C2 EDO H . -25.96 7.37 -18.95
O2 EDO H . -24.81 7.84 -19.68
#